data_6XLK
#
_entry.id   6XLK
#
_cell.length_a   1.00
_cell.length_b   1.00
_cell.length_c   1.00
_cell.angle_alpha   90.00
_cell.angle_beta   90.00
_cell.angle_gamma   90.00
#
_symmetry.space_group_name_H-M   'P 1'
#
loop_
_entity.id
_entity.type
_entity.pdbx_description
1 polymer 'synthetic non-template strand DNA (54-MER)'
2 polymer 'synthetic template strand DNA (54-MER)'
3 polymer 'MerR family transcriptional regulator EcmrR'
4 non-polymer CHAPSO
5 non-polymer 'TETRAPHENYLANTIMONIUM ION'
#
loop_
_entity_poly.entity_id
_entity_poly.type
_entity_poly.pdbx_seq_one_letter_code
_entity_poly.pdbx_strand_id
1 'polydeoxyribonucleotide'
;(DG)(DC)(DC)(DT)(DT)(DG)(DA)(DC)(DC)(DC)(DT)(DC)(DC)(DC)(DC)(DT)(DA)(DA)(DG)(DG)
(DG)(DG)(DA)(DG)(DG)(DG)(DT)(DT)(DT)(DA)(DG)(DA)(DT)(DT)(DG)(DT)(DG)(DT)(DG)(DC)
(DA)(DG)(DT)(DC)(DT)(DG)(DA)(DC)(DG)(DC)(DG)(DG)(DC)(DG)
;
N
2 'polydeoxyribonucleotide'
;(DC)(DG)(DC)(DC)(DG)(DC)(DG)(DT)(DC)(DA)(DG)(DA)(DC)(DT)(DC)(DG)(DT)(DA)(DG)(DG)
(DA)(DA)(DT)(DC)(DT)(DA)(DA)(DA)(DC)(DC)(DC)(DT)(DC)(DC)(DC)(DC)(DT)(DT)(DA)(DG)
(DG)(DG)(DG)(DA)(DG)(DG)(DG)(DT)(DC)(DA)(DA)(DG)(DG)(DC)
;
T
3 'polypeptide(L)'
;SQIGLFSKICRVTIKTLHYYNKIGLLVPAYINPDNGYRFYTSDQLMKFHQIASLRQLGFTITEIVTLTQDENSCHIIERR
RLEIQKQIRDMADMLSRINHYLQHKKKERIMLYQAALKEIPECIVYSKRFIVPDFSSYIKLIPPIGQEVMKANPGLTLTT
PAYCFTLYHDKEYKEKNMDVEFCEAVNDFGKNEGNIIFQVIPAITAVTVIHKGPYDSLRNAYIYLMQWVEDNGYLLTNSP
RESYIDGIWNKQDSAEWMTEIQFPVEKV
;
G,H
#
loop_
_chem_comp.id
_chem_comp.type
_chem_comp.name
_chem_comp.formula
118 non-polymer 'TETRAPHENYLANTIMONIUM ION' 'C24 H20 Sb 1'
1N7 non-polymer CHAPSO 'C32 H59 N2 O8 S 1'
DA DNA linking 2'-DEOXYADENOSINE-5'-MONOPHOSPHATE 'C10 H14 N5 O6 P'
DC DNA linking 2'-DEOXYCYTIDINE-5'-MONOPHOSPHATE 'C9 H14 N3 O7 P'
DG DNA linking 2'-DEOXYGUANOSINE-5'-MONOPHOSPHATE 'C10 H14 N5 O7 P'
DT DNA linking THYMIDINE-5'-MONOPHOSPHATE 'C10 H15 N2 O8 P'
#
# COMPACT_ATOMS: atom_id res chain seq x y z
N SER C 1 5.17 -30.70 20.33
CA SER C 1 6.05 -29.93 19.49
C SER C 1 6.45 -28.64 20.16
N GLN C 2 7.70 -28.54 20.57
CA GLN C 2 8.19 -27.35 21.24
C GLN C 2 8.12 -26.15 20.29
N ILE C 3 8.34 -24.96 20.82
CA ILE C 3 8.13 -23.77 20.01
C ILE C 3 9.14 -23.67 18.88
N GLY C 4 10.33 -24.24 19.05
CA GLY C 4 11.31 -24.21 17.96
C GLY C 4 10.90 -25.10 16.80
N LEU C 5 10.56 -26.35 17.11
CA LEU C 5 10.13 -27.27 16.06
C LEU C 5 8.89 -26.75 15.36
N PHE C 6 7.93 -26.22 16.11
CA PHE C 6 6.71 -25.72 15.47
C PHE C 6 6.98 -24.45 14.68
N SER C 7 7.82 -23.57 15.21
CA SER C 7 8.16 -22.36 14.48
C SER C 7 8.85 -22.67 13.17
N LYS C 8 9.62 -23.75 13.13
CA LYS C 8 10.20 -24.18 11.85
C LYS C 8 9.19 -24.90 10.99
N ILE C 9 8.22 -25.58 11.59
CA ILE C 9 7.13 -26.18 10.82
C ILE C 9 6.40 -25.12 10.02
N CYS C 10 5.91 -24.09 10.72
CA CYS C 10 5.12 -23.05 10.08
C CYS C 10 5.98 -22.01 9.36
N ARG C 11 7.30 -22.09 9.52
CA ARG C 11 8.24 -21.18 8.86
C ARG C 11 7.93 -19.72 9.19
N VAL C 12 7.90 -19.40 10.49
CA VAL C 12 7.82 -18.03 10.95
C VAL C 12 8.65 -17.94 12.22
N THR C 13 9.03 -16.72 12.59
CA THR C 13 9.95 -16.54 13.70
C THR C 13 9.30 -16.92 15.02
N ILE C 14 10.12 -16.96 16.06
CA ILE C 14 9.60 -17.27 17.39
C ILE C 14 8.78 -16.09 17.92
N LYS C 15 9.31 -14.87 17.77
CA LYS C 15 8.63 -13.71 18.32
C LYS C 15 7.24 -13.55 17.74
N THR C 16 7.01 -14.02 16.52
CA THR C 16 5.67 -13.97 15.94
C THR C 16 4.73 -14.90 16.69
N LEU C 17 5.20 -16.08 17.08
CA LEU C 17 4.34 -16.98 17.84
C LEU C 17 4.11 -16.46 19.25
N HIS C 18 5.15 -15.86 19.85
CA HIS C 18 4.95 -15.17 21.13
C HIS C 18 3.89 -14.10 21.02
N TYR C 19 3.94 -13.29 19.96
CA TYR C 19 2.98 -12.22 19.80
C TYR C 19 1.58 -12.76 19.58
N TYR C 20 1.44 -13.78 18.74
CA TYR C 20 0.14 -14.36 18.48
C TYR C 20 -0.44 -15.00 19.73
N ASN C 21 0.41 -15.48 20.63
CA ASN C 21 -0.10 -15.97 21.91
C ASN C 21 -0.49 -14.83 22.83
N LYS C 22 0.28 -13.75 22.82
CA LYS C 22 -0.02 -12.61 23.68
C LYS C 22 -1.38 -12.00 23.34
N ILE C 23 -1.65 -11.82 22.05
CA ILE C 23 -2.93 -11.23 21.68
C ILE C 23 -4.07 -12.23 21.61
N GLY C 24 -3.81 -13.51 21.90
CA GLY C 24 -4.84 -14.50 21.87
C GLY C 24 -5.24 -15.00 20.51
N LEU C 25 -4.49 -14.64 19.46
CA LEU C 25 -4.81 -15.10 18.12
C LEU C 25 -4.54 -16.59 17.97
N LEU C 26 -3.30 -17.03 18.19
CA LEU C 26 -2.94 -18.44 18.11
C LEU C 26 -2.37 -18.86 19.45
N VAL C 27 -3.15 -19.61 20.21
CA VAL C 27 -2.78 -20.02 21.56
C VAL C 27 -2.18 -21.42 21.49
N PRO C 28 -1.06 -21.68 22.15
CA PRO C 28 -0.55 -23.05 22.21
C PRO C 28 -1.58 -23.98 22.82
N ALA C 29 -1.49 -25.25 22.44
CA ALA C 29 -2.40 -26.22 23.04
C ALA C 29 -2.05 -26.47 24.49
N TYR C 30 -0.77 -26.50 24.82
CA TYR C 30 -0.34 -26.94 26.14
C TYR C 30 0.88 -26.16 26.56
N ILE C 31 0.74 -25.39 27.64
CA ILE C 31 1.83 -24.64 28.24
C ILE C 31 2.27 -25.38 29.49
N ASN C 32 3.54 -25.71 29.56
CA ASN C 32 4.07 -26.28 30.79
C ASN C 32 4.02 -25.20 31.87
N PRO C 33 3.36 -25.45 33.00
CA PRO C 33 3.06 -24.35 33.93
C PRO C 33 4.29 -23.71 34.55
N ASP C 34 5.25 -24.50 35.03
CA ASP C 34 6.40 -23.91 35.69
C ASP C 34 7.39 -23.33 34.69
N ASN C 35 7.73 -24.09 33.65
CA ASN C 35 8.67 -23.58 32.64
C ASN C 35 8.08 -22.42 31.86
N GLY C 36 6.79 -22.48 31.56
CA GLY C 36 6.20 -21.58 30.61
C GLY C 36 6.42 -21.99 29.17
N TYR C 37 7.10 -23.10 28.94
CA TYR C 37 7.37 -23.57 27.59
C TYR C 37 6.07 -23.78 26.83
N ARG C 38 6.03 -23.33 25.60
CA ARG C 38 4.84 -23.51 24.76
C ARG C 38 5.02 -24.75 23.91
N PHE C 39 4.00 -25.59 23.86
CA PHE C 39 3.98 -26.76 23.00
C PHE C 39 2.71 -26.73 22.17
N TYR C 40 2.85 -26.91 20.87
CA TYR C 40 1.74 -26.83 19.94
C TYR C 40 1.41 -28.23 19.44
N THR C 41 0.31 -28.31 18.71
CA THR C 41 -0.11 -29.57 18.12
C THR C 41 -0.42 -29.32 16.66
N SER C 42 -0.85 -30.37 15.97
CA SER C 42 -1.23 -30.22 14.57
C SER C 42 -2.38 -29.24 14.41
N ASP C 43 -3.35 -29.26 15.33
CA ASP C 43 -4.47 -28.34 15.22
C ASP C 43 -4.10 -26.92 15.62
N GLN C 44 -2.83 -26.65 15.92
CA GLN C 44 -2.36 -25.29 15.94
C GLN C 44 -1.77 -24.89 14.60
N LEU C 45 -1.16 -25.83 13.88
CA LEU C 45 -0.72 -25.58 12.53
C LEU C 45 -1.91 -25.40 11.60
N MET C 46 -2.97 -26.17 11.82
CA MET C 46 -4.19 -26.01 11.04
C MET C 46 -4.76 -24.61 11.19
N LYS C 47 -4.59 -24.00 12.35
CA LYS C 47 -5.05 -22.63 12.52
C LYS C 47 -4.05 -21.59 12.05
N PHE C 48 -2.75 -21.84 12.22
CA PHE C 48 -1.77 -20.90 11.71
C PHE C 48 -1.86 -20.80 10.20
N HIS C 49 -2.21 -21.89 9.52
CA HIS C 49 -2.40 -21.81 8.08
C HIS C 49 -3.53 -20.88 7.73
N GLN C 50 -4.63 -20.96 8.46
CA GLN C 50 -5.75 -20.06 8.22
C GLN C 50 -5.36 -18.61 8.51
N ILE C 51 -4.62 -18.40 9.60
CA ILE C 51 -4.16 -17.07 9.95
C ILE C 51 -3.32 -16.49 8.83
N ALA C 52 -2.36 -17.26 8.32
CA ALA C 52 -1.49 -16.75 7.26
C ALA C 52 -2.25 -16.57 5.96
N SER C 53 -3.21 -17.44 5.68
CA SER C 53 -4.01 -17.29 4.47
C SER C 53 -4.82 -16.00 4.51
N LEU C 54 -5.34 -15.65 5.67
CA LEU C 54 -6.06 -14.39 5.79
C LEU C 54 -5.12 -13.21 5.81
N ARG C 55 -3.93 -13.38 6.40
CA ARG C 55 -2.98 -12.28 6.50
C ARG C 55 -2.33 -11.97 5.17
N GLN C 56 -2.36 -12.91 4.23
CA GLN C 56 -1.90 -12.61 2.89
C GLN C 56 -2.90 -11.78 2.11
N LEU C 57 -4.12 -11.65 2.61
CA LEU C 57 -5.11 -10.76 2.02
C LEU C 57 -5.05 -9.36 2.60
N GLY C 58 -4.05 -9.08 3.44
CA GLY C 58 -3.88 -7.77 4.01
C GLY C 58 -4.72 -7.47 5.23
N PHE C 59 -5.49 -8.44 5.72
CA PHE C 59 -6.33 -8.19 6.89
C PHE C 59 -5.46 -7.89 8.10
N THR C 60 -5.75 -6.78 8.77
CA THR C 60 -5.07 -6.47 10.00
C THR C 60 -5.40 -7.51 11.06
N ILE C 61 -4.54 -7.59 12.08
CA ILE C 61 -4.58 -8.72 13.00
C ILE C 61 -5.93 -8.81 13.68
N THR C 62 -6.47 -7.66 14.13
CA THR C 62 -7.76 -7.66 14.79
C THR C 62 -8.86 -8.13 13.84
N GLU C 63 -8.76 -7.75 12.57
CA GLU C 63 -9.68 -8.30 11.58
C GLU C 63 -9.53 -9.80 11.46
N ILE C 64 -8.32 -10.33 11.63
CA ILE C 64 -8.14 -11.78 11.56
C ILE C 64 -8.75 -12.46 12.78
N VAL C 65 -8.58 -11.86 13.95
CA VAL C 65 -9.21 -12.37 15.16
C VAL C 65 -10.71 -12.46 14.96
N THR C 66 -11.30 -11.42 14.38
CA THR C 66 -12.74 -11.46 14.16
C THR C 66 -13.10 -12.46 13.07
N LEU C 67 -12.31 -12.55 12.00
CA LEU C 67 -12.64 -13.45 10.90
C LEU C 67 -12.58 -14.91 11.34
N THR C 68 -11.68 -15.23 12.27
CA THR C 68 -11.57 -16.60 12.75
C THR C 68 -12.48 -16.89 13.92
N GLN C 69 -12.88 -15.88 14.70
CA GLN C 69 -13.72 -16.10 15.87
C GLN C 69 -15.18 -15.74 15.63
N ASP C 70 -15.47 -14.86 14.69
CA ASP C 70 -16.83 -14.40 14.42
C ASP C 70 -17.22 -14.92 13.05
N GLU C 71 -18.29 -15.71 13.01
CA GLU C 71 -18.76 -16.33 11.78
C GLU C 71 -19.78 -15.42 11.08
N ASN C 72 -20.04 -15.73 9.81
CA ASN C 72 -20.92 -14.94 8.95
C ASN C 72 -20.46 -13.48 8.93
N SER C 73 -19.17 -13.31 8.72
CA SER C 73 -18.50 -12.02 8.84
C SER C 73 -18.04 -11.48 7.48
N CYS C 74 -18.78 -11.81 6.42
CA CYS C 74 -18.43 -11.38 5.07
C CYS C 74 -18.36 -9.87 4.93
N HIS C 75 -18.92 -9.11 5.88
CA HIS C 75 -18.84 -7.66 5.78
C HIS C 75 -17.40 -7.17 5.98
N ILE C 76 -16.60 -7.87 6.78
CA ILE C 76 -15.21 -7.44 6.92
C ILE C 76 -14.44 -7.72 5.65
N ILE C 77 -14.73 -8.84 4.98
CA ILE C 77 -14.08 -9.09 3.70
C ILE C 77 -14.50 -8.02 2.69
N GLU C 78 -15.77 -7.60 2.71
CA GLU C 78 -16.20 -6.55 1.80
C GLU C 78 -15.52 -5.22 2.12
N ARG C 79 -15.38 -4.89 3.40
CA ARG C 79 -14.70 -3.68 3.79
C ARG C 79 -13.25 -3.67 3.32
N ARG C 80 -12.56 -4.80 3.48
CA ARG C 80 -11.19 -4.88 3.02
C ARG C 80 -11.10 -4.83 1.51
N ARG C 81 -12.11 -5.35 0.82
CA ARG C 81 -12.11 -5.26 -0.64
C ARG C 81 -12.20 -3.81 -1.10
N LEU C 82 -13.11 -3.05 -0.51
CA LEU C 82 -13.21 -1.63 -0.87
C LEU C 82 -11.94 -0.88 -0.51
N GLU C 83 -11.33 -1.21 0.64
CA GLU C 83 -10.08 -0.55 1.01
C GLU C 83 -8.95 -0.89 0.05
N ILE C 84 -8.89 -2.13 -0.42
CA ILE C 84 -7.83 -2.50 -1.36
C ILE C 84 -8.04 -1.81 -2.69
N GLN C 85 -9.30 -1.68 -3.13
CA GLN C 85 -9.54 -0.96 -4.37
C GLN C 85 -9.17 0.52 -4.23
N LYS C 86 -9.45 1.11 -3.07
CA LYS C 86 -9.05 2.48 -2.82
C LYS C 86 -7.53 2.62 -2.83
N GLN C 87 -6.83 1.67 -2.21
CA GLN C 87 -5.38 1.74 -2.20
C GLN C 87 -4.81 1.48 -3.58
N ILE C 88 -5.52 0.72 -4.42
CA ILE C 88 -5.08 0.54 -5.79
C ILE C 88 -5.17 1.86 -6.55
N ARG C 89 -6.29 2.57 -6.40
CA ARG C 89 -6.41 3.88 -7.02
C ARG C 89 -5.32 4.83 -6.54
N ASP C 90 -5.08 4.85 -5.23
CA ASP C 90 -4.08 5.76 -4.68
C ASP C 90 -2.67 5.39 -5.13
N MET C 91 -2.36 4.10 -5.20
CA MET C 91 -1.02 3.70 -5.61
C MET C 91 -0.80 3.97 -7.09
N ALA C 92 -1.83 3.77 -7.91
CA ALA C 92 -1.71 4.12 -9.32
C ALA C 92 -1.50 5.62 -9.49
N ASP C 93 -2.20 6.43 -8.68
CA ASP C 93 -2.00 7.87 -8.72
C ASP C 93 -0.58 8.24 -8.34
N MET C 94 -0.07 7.66 -7.25
CA MET C 94 1.32 7.90 -6.85
C MET C 94 2.29 7.48 -7.94
N LEU C 95 1.99 6.37 -8.62
CA LEU C 95 2.86 5.90 -9.69
C LEU C 95 2.91 6.91 -10.83
N SER C 96 1.75 7.41 -11.24
CA SER C 96 1.73 8.40 -12.31
C SER C 96 2.46 9.67 -11.88
N ARG C 97 2.26 10.08 -10.63
CA ARG C 97 2.93 11.27 -10.12
C ARG C 97 4.43 11.10 -10.14
N ILE C 98 4.92 9.92 -9.75
CA ILE C 98 6.35 9.75 -9.67
C ILE C 98 6.96 9.52 -11.04
N ASN C 99 6.19 9.00 -11.99
CA ASN C 99 6.65 8.96 -13.36
C ASN C 99 6.81 10.37 -13.92
N HIS C 100 5.84 11.24 -13.63
CA HIS C 100 5.95 12.62 -14.07
C HIS C 100 7.12 13.33 -13.40
N TYR C 101 7.32 13.07 -12.11
CA TYR C 101 8.44 13.65 -11.39
C TYR C 101 9.77 13.21 -11.97
N LEU C 102 9.87 11.94 -12.36
CA LEU C 102 11.13 11.49 -12.95
C LEU C 102 11.30 12.03 -14.36
N GLN C 103 10.21 12.16 -15.11
CA GLN C 103 10.30 12.77 -16.43
C GLN C 103 10.77 14.22 -16.34
N HIS C 104 10.38 14.92 -15.28
CA HIS C 104 10.83 16.30 -15.11
C HIS C 104 12.25 16.40 -14.57
N LYS C 105 12.58 15.68 -13.50
CA LYS C 105 13.88 15.83 -12.87
C LYS C 105 15.00 15.31 -13.77
N LYS C 106 14.67 14.43 -14.71
CA LYS C 106 15.66 14.01 -15.69
C LYS C 106 15.78 15.01 -16.83
N LYS C 107 14.73 15.77 -17.15
CA LYS C 107 14.80 16.69 -18.26
C LYS C 107 15.59 17.95 -17.91
N GLU C 108 15.43 18.46 -16.70
CA GLU C 108 16.19 19.60 -16.23
C GLU C 108 16.76 19.33 -14.84
N ARG C 109 17.94 19.88 -14.58
CA ARG C 109 18.66 19.56 -13.36
C ARG C 109 18.02 20.17 -12.12
N ILE C 110 17.25 21.23 -12.28
CA ILE C 110 16.55 21.87 -11.17
C ILE C 110 15.06 21.61 -11.32
N MET C 111 14.39 21.34 -10.19
CA MET C 111 12.94 21.23 -10.14
C MET C 111 12.41 22.57 -9.70
N LEU C 112 11.76 23.30 -10.62
CA LEU C 112 11.32 24.64 -10.29
C LEU C 112 10.10 24.62 -9.39
N TYR C 113 9.08 23.83 -9.74
CA TYR C 113 7.85 23.75 -8.96
C TYR C 113 7.53 22.30 -8.67
N GLN C 114 7.37 21.96 -7.41
CA GLN C 114 6.68 20.73 -7.06
C GLN C 114 5.18 21.00 -6.96
N ALA C 115 4.40 20.01 -7.32
CA ALA C 115 2.95 20.14 -7.35
C ALA C 115 2.35 19.36 -6.20
N ALA C 116 1.51 20.02 -5.41
CA ALA C 116 0.90 19.39 -4.25
C ALA C 116 -0.60 19.41 -4.40
N LEU C 117 -1.24 18.28 -4.16
CA LEU C 117 -2.69 18.17 -4.30
C LEU C 117 -3.32 18.41 -2.93
N LYS C 118 -3.77 19.63 -2.69
CA LYS C 118 -4.28 20.01 -1.39
C LYS C 118 -5.74 20.40 -1.48
N GLU C 119 -6.43 20.36 -0.34
CA GLU C 119 -7.84 20.70 -0.26
C GLU C 119 -8.00 22.11 0.28
N ILE C 120 -8.77 22.92 -0.43
CA ILE C 120 -9.08 24.29 -0.03
C ILE C 120 -10.55 24.33 0.39
N PRO C 121 -10.86 24.79 1.59
CA PRO C 121 -12.25 24.84 2.03
C PRO C 121 -12.99 26.00 1.38
N GLU C 122 -14.31 25.95 1.49
CA GLU C 122 -15.13 27.04 0.97
C GLU C 122 -14.89 28.30 1.80
N CYS C 123 -15.05 29.45 1.15
CA CYS C 123 -14.78 30.71 1.80
C CYS C 123 -15.89 31.69 1.45
N ILE C 124 -15.95 32.79 2.18
CA ILE C 124 -16.87 33.88 1.89
C ILE C 124 -16.03 35.06 1.46
N VAL C 125 -16.07 35.39 0.18
CA VAL C 125 -15.18 36.42 -0.35
C VAL C 125 -16.01 37.57 -0.89
N TYR C 126 -15.36 38.71 -1.01
CA TYR C 126 -15.87 39.80 -1.83
C TYR C 126 -15.09 39.80 -3.13
N SER C 127 -15.82 39.89 -4.22
CA SER C 127 -15.28 39.63 -5.54
C SER C 127 -15.71 40.73 -6.49
N LYS C 128 -14.79 41.12 -7.35
CA LYS C 128 -15.10 42.02 -8.46
C LYS C 128 -14.63 41.33 -9.73
N ARG C 129 -15.56 41.11 -10.66
CA ARG C 129 -15.27 40.44 -11.92
C ARG C 129 -15.30 41.47 -13.03
N PHE C 130 -14.21 41.56 -13.78
CA PHE C 130 -14.09 42.63 -14.77
C PHE C 130 -13.02 42.32 -15.79
N ILE C 131 -13.15 42.93 -16.96
CA ILE C 131 -12.18 42.76 -18.04
C ILE C 131 -10.93 43.56 -17.71
N VAL C 132 -9.78 43.06 -18.12
CA VAL C 132 -8.49 43.69 -17.86
C VAL C 132 -7.79 43.91 -19.20
N PRO C 133 -7.28 45.12 -19.47
CA PRO C 133 -6.50 45.32 -20.70
C PRO C 133 -5.11 44.73 -20.63
N ASP C 134 -4.49 44.71 -19.45
CA ASP C 134 -3.11 44.27 -19.31
C ASP C 134 -2.88 43.83 -17.88
N PHE C 135 -2.25 42.68 -17.71
CA PHE C 135 -2.11 42.07 -16.39
C PHE C 135 -1.31 42.96 -15.45
N SER C 136 -0.34 43.71 -15.97
CA SER C 136 0.38 44.65 -15.11
C SER C 136 -0.57 45.73 -14.61
N SER C 137 -1.49 46.19 -15.47
CA SER C 137 -2.52 47.13 -15.04
C SER C 137 -3.53 46.50 -14.11
N TYR C 138 -3.64 45.17 -14.13
CA TYR C 138 -4.59 44.48 -13.26
C TYR C 138 -4.19 44.61 -11.79
N ILE C 139 -2.89 44.64 -11.52
CA ILE C 139 -2.41 44.73 -10.15
C ILE C 139 -2.72 46.07 -9.53
N LYS C 140 -2.68 47.14 -10.32
CA LYS C 140 -2.78 48.49 -9.78
C LYS C 140 -4.18 48.84 -9.30
N LEU C 141 -5.20 48.33 -9.96
CA LEU C 141 -6.58 48.73 -9.71
C LEU C 141 -7.22 47.98 -8.56
N ILE C 142 -6.49 47.11 -7.88
CA ILE C 142 -7.01 46.32 -6.75
C ILE C 142 -7.05 47.12 -5.45
N PRO C 143 -5.99 47.84 -5.05
CA PRO C 143 -6.05 48.61 -3.79
C PRO C 143 -7.15 49.67 -3.81
N PRO C 144 -7.54 50.24 -4.95
CA PRO C 144 -8.78 51.05 -4.93
C PRO C 144 -9.98 50.29 -4.39
N ILE C 145 -10.18 49.04 -4.83
CA ILE C 145 -11.27 48.24 -4.29
C ILE C 145 -11.03 47.99 -2.81
N GLY C 146 -9.77 47.83 -2.41
CA GLY C 146 -9.47 47.65 -1.00
C GLY C 146 -9.89 48.84 -0.15
N GLN C 147 -9.67 50.06 -0.66
CA GLN C 147 -10.17 51.25 0.01
C GLN C 147 -11.70 51.23 0.07
N GLU C 148 -12.32 50.97 -1.08
CA GLU C 148 -13.76 51.16 -1.21
C GLU C 148 -14.55 50.21 -0.32
N VAL C 149 -14.18 48.93 -0.30
CA VAL C 149 -15.02 47.97 0.43
C VAL C 149 -14.91 48.20 1.93
N MET C 150 -13.73 48.53 2.42
CA MET C 150 -13.59 48.84 3.85
C MET C 150 -14.30 50.13 4.20
N LYS C 151 -14.38 51.07 3.25
CA LYS C 151 -15.19 52.26 3.51
C LYS C 151 -16.67 51.91 3.62
N ALA C 152 -17.22 51.20 2.64
CA ALA C 152 -18.66 50.98 2.60
C ALA C 152 -19.11 49.92 3.59
N ASN C 153 -18.24 48.97 3.94
CA ASN C 153 -18.54 47.93 4.91
C ASN C 153 -17.69 48.18 6.15
N PRO C 154 -18.24 48.84 7.16
CA PRO C 154 -17.46 49.10 8.37
C PRO C 154 -17.35 47.86 9.24
N GLY C 155 -16.16 47.64 9.78
CA GLY C 155 -15.89 46.48 10.61
C GLY C 155 -15.69 45.19 9.85
N LEU C 156 -15.49 45.24 8.54
CA LEU C 156 -15.26 44.03 7.75
C LEU C 156 -13.86 43.51 7.99
N THR C 157 -13.74 42.35 8.62
CA THR C 157 -12.45 41.80 8.99
C THR C 157 -12.04 40.73 7.98
N LEU C 158 -10.85 40.89 7.41
CA LEU C 158 -10.32 39.90 6.51
C LEU C 158 -10.05 38.59 7.24
N THR C 159 -10.15 37.49 6.51
CA THR C 159 -9.92 36.19 7.11
C THR C 159 -8.45 36.04 7.48
N THR C 160 -8.21 35.35 8.58
CA THR C 160 -6.86 35.05 9.02
C THR C 160 -6.74 33.54 9.12
N PRO C 161 -5.88 32.89 8.31
CA PRO C 161 -4.90 33.46 7.39
C PRO C 161 -5.51 34.11 6.15
N ALA C 162 -4.84 35.10 5.59
CA ALA C 162 -5.43 35.86 4.49
C ALA C 162 -5.46 35.01 3.23
N TYR C 163 -6.63 34.94 2.60
CA TYR C 163 -6.81 34.25 1.33
C TYR C 163 -7.25 35.30 0.32
N CYS C 164 -6.32 35.73 -0.52
CA CYS C 164 -6.57 36.78 -1.50
C CYS C 164 -6.16 36.27 -2.86
N PHE C 165 -7.14 35.96 -3.70
CA PHE C 165 -6.85 35.25 -4.94
C PHE C 165 -7.58 35.87 -6.11
N THR C 166 -7.34 35.27 -7.26
CA THR C 166 -7.97 35.66 -8.50
C THR C 166 -8.50 34.41 -9.19
N LEU C 167 -9.78 34.42 -9.53
CA LEU C 167 -10.35 33.42 -10.42
C LEU C 167 -10.06 33.89 -11.83
N TYR C 168 -9.62 32.97 -12.69
CA TYR C 168 -9.50 33.28 -14.10
C TYR C 168 -10.63 32.56 -14.82
N HIS C 169 -11.69 33.30 -15.12
CA HIS C 169 -12.89 32.75 -15.72
C HIS C 169 -12.78 32.58 -17.23
N ASP C 170 -11.58 32.61 -17.78
CA ASP C 170 -11.41 32.52 -19.22
C ASP C 170 -11.07 31.09 -19.59
N LYS C 171 -11.78 30.54 -20.57
CA LYS C 171 -11.62 29.15 -20.96
C LYS C 171 -10.44 28.91 -21.90
N GLU C 172 -9.85 29.97 -22.45
CA GLU C 172 -8.70 29.85 -23.34
C GLU C 172 -7.72 30.98 -23.02
N TYR C 173 -6.60 30.96 -23.72
CA TYR C 173 -5.49 31.86 -23.41
C TYR C 173 -5.58 33.14 -24.23
N LYS C 174 -5.49 34.28 -23.56
CA LYS C 174 -5.42 35.56 -24.26
C LYS C 174 -4.67 36.56 -23.41
N GLU C 175 -4.12 37.58 -24.08
CA GLU C 175 -3.13 38.47 -23.48
C GLU C 175 -3.64 39.86 -23.16
N LYS C 176 -4.71 40.34 -23.81
CA LYS C 176 -5.18 41.69 -23.55
C LYS C 176 -6.66 41.79 -23.16
N ASN C 177 -7.42 40.71 -23.27
CA ASN C 177 -8.84 40.73 -22.93
C ASN C 177 -9.16 39.80 -21.77
N MET C 178 -8.21 39.63 -20.86
CA MET C 178 -8.36 38.72 -19.74
C MET C 178 -9.56 39.09 -18.89
N ASP C 179 -10.52 38.16 -18.80
CA ASP C 179 -11.70 38.34 -17.97
C ASP C 179 -11.40 37.66 -16.65
N VAL C 180 -11.13 38.45 -15.61
CA VAL C 180 -10.69 37.94 -14.33
C VAL C 180 -11.72 38.29 -13.28
N GLU C 181 -11.54 37.71 -12.09
CA GLU C 181 -12.36 38.05 -10.95
C GLU C 181 -11.47 38.08 -9.71
N PHE C 182 -11.27 39.25 -9.14
CA PHE C 182 -10.47 39.37 -7.92
C PHE C 182 -11.34 39.06 -6.72
N CYS C 183 -10.94 38.08 -5.92
CA CYS C 183 -11.69 37.69 -4.74
C CYS C 183 -10.81 37.82 -3.51
N GLU C 184 -11.40 38.26 -2.40
CA GLU C 184 -10.67 38.29 -1.14
C GLU C 184 -11.58 37.82 -0.03
N ALA C 185 -11.07 36.93 0.81
CA ALA C 185 -11.90 36.25 1.79
C ALA C 185 -12.05 37.10 3.04
N VAL C 186 -13.29 37.21 3.52
CA VAL C 186 -13.62 37.86 4.77
C VAL C 186 -14.43 36.86 5.59
N ASN C 187 -14.82 37.29 6.78
CA ASN C 187 -15.48 36.36 7.69
C ASN C 187 -16.98 36.29 7.46
N ASP C 188 -17.64 37.44 7.34
CA ASP C 188 -19.09 37.50 7.25
C ASP C 188 -19.52 38.08 5.92
N PHE C 189 -20.81 38.00 5.63
CA PHE C 189 -21.37 38.68 4.48
C PHE C 189 -21.34 40.20 4.68
N GLY C 190 -21.64 40.91 3.61
CA GLY C 190 -21.62 42.35 3.65
C GLY C 190 -22.48 42.93 2.55
N LYS C 191 -22.35 44.24 2.36
CA LYS C 191 -23.15 44.92 1.34
C LYS C 191 -22.43 44.88 0.00
N ASN C 192 -23.22 44.74 -1.06
CA ASN C 192 -22.72 44.45 -2.40
C ASN C 192 -22.89 45.62 -3.36
N GLU C 193 -22.82 46.85 -2.85
CA GLU C 193 -22.89 48.00 -3.73
C GLU C 193 -21.71 48.03 -4.69
N GLY C 194 -22.00 48.34 -5.96
CA GLY C 194 -20.97 48.35 -6.97
C GLY C 194 -20.84 46.98 -7.63
N ASN C 195 -19.92 46.91 -8.59
CA ASN C 195 -19.63 45.64 -9.23
C ASN C 195 -19.02 44.64 -8.28
N ILE C 196 -18.47 45.11 -7.16
CA ILE C 196 -17.99 44.24 -6.10
C ILE C 196 -19.18 43.68 -5.34
N ILE C 197 -19.20 42.37 -5.17
CA ILE C 197 -20.27 41.69 -4.46
C ILE C 197 -19.66 40.71 -3.48
N PHE C 198 -20.53 40.04 -2.74
CA PHE C 198 -20.11 38.99 -1.82
C PHE C 198 -20.62 37.66 -2.34
N GLN C 199 -19.82 36.61 -2.17
CA GLN C 199 -20.26 35.30 -2.60
C GLN C 199 -19.46 34.23 -1.88
N VAL C 200 -20.04 33.05 -1.83
CA VAL C 200 -19.40 31.87 -1.27
C VAL C 200 -18.68 31.12 -2.38
N ILE C 201 -17.42 30.82 -2.13
CA ILE C 201 -16.54 30.13 -3.05
C ILE C 201 -16.42 28.69 -2.57
N PRO C 202 -16.81 27.70 -3.38
CA PRO C 202 -16.93 26.34 -2.87
C PRO C 202 -15.58 25.70 -2.61
N ALA C 203 -15.60 24.69 -1.74
CA ALA C 203 -14.39 23.95 -1.45
C ALA C 203 -13.98 23.12 -2.66
N ILE C 204 -12.68 23.07 -2.91
CA ILE C 204 -12.13 22.35 -4.05
C ILE C 204 -10.89 21.60 -3.62
N THR C 205 -10.72 20.41 -4.16
CA THR C 205 -9.41 19.77 -4.14
C THR C 205 -8.67 20.27 -5.37
N ALA C 206 -7.45 20.74 -5.18
CA ALA C 206 -6.75 21.48 -6.22
C ALA C 206 -5.27 21.18 -6.15
N VAL C 207 -4.64 21.07 -7.30
CA VAL C 207 -3.20 20.96 -7.36
C VAL C 207 -2.61 22.35 -7.38
N THR C 208 -1.69 22.61 -6.46
CA THR C 208 -1.12 23.93 -6.30
C THR C 208 0.38 23.89 -6.43
N VAL C 209 0.94 24.96 -7.00
CA VAL C 209 2.36 25.16 -7.09
C VAL C 209 2.68 26.57 -6.62
N ILE C 210 3.76 26.70 -5.86
CA ILE C 210 4.16 28.00 -5.32
C ILE C 210 5.23 28.56 -6.25
N HIS C 211 4.96 29.74 -6.80
CA HIS C 211 5.88 30.43 -7.69
C HIS C 211 6.55 31.57 -6.94
N LYS C 212 7.87 31.62 -7.01
CA LYS C 212 8.66 32.64 -6.36
C LYS C 212 9.31 33.52 -7.41
N GLY C 213 9.11 34.82 -7.31
CA GLY C 213 9.68 35.75 -8.26
C GLY C 213 8.63 36.70 -8.82
N PRO C 214 9.02 37.47 -9.82
CA PRO C 214 8.11 38.48 -10.37
C PRO C 214 6.98 37.84 -11.16
N TYR C 215 5.94 38.65 -11.40
CA TYR C 215 4.71 38.12 -11.94
C TYR C 215 4.74 37.94 -13.44
N ASP C 216 5.79 38.42 -14.12
CA ASP C 216 5.84 38.33 -15.57
C ASP C 216 6.21 36.94 -16.06
N SER C 217 6.83 36.12 -15.23
CA SER C 217 7.18 34.76 -15.58
C SER C 217 6.12 33.76 -15.12
N LEU C 218 5.03 34.24 -14.51
CA LEU C 218 4.06 33.37 -13.88
C LEU C 218 3.48 32.35 -14.84
N ARG C 219 3.35 32.70 -16.12
CA ARG C 219 2.75 31.77 -17.08
C ARG C 219 3.50 30.45 -17.10
N ASN C 220 4.82 30.48 -16.85
CA ASN C 220 5.59 29.25 -16.74
C ASN C 220 4.89 28.26 -15.82
N ALA C 221 4.64 28.68 -14.58
CA ALA C 221 3.98 27.80 -13.62
C ALA C 221 2.67 27.27 -14.17
N TYR C 222 1.88 28.14 -14.79
CA TYR C 222 0.61 27.69 -15.33
C TYR C 222 0.82 26.60 -16.37
N ILE C 223 1.76 26.82 -17.29
CA ILE C 223 2.11 25.80 -18.26
C ILE C 223 2.39 24.49 -17.55
N TYR C 224 3.25 24.54 -16.52
CA TYR C 224 3.59 23.34 -15.79
C TYR C 224 2.35 22.64 -15.28
N LEU C 225 1.46 23.39 -14.63
CA LEU C 225 0.29 22.75 -14.05
C LEU C 225 -0.54 22.07 -15.12
N MET C 226 -0.71 22.72 -16.28
CA MET C 226 -1.48 22.10 -17.34
C MET C 226 -0.83 20.78 -17.75
N GLN C 227 0.49 20.80 -17.94
CA GLN C 227 1.23 19.58 -18.17
C GLN C 227 0.87 18.53 -17.14
N TRP C 228 1.01 18.89 -15.86
CA TRP C 228 0.66 17.98 -14.77
C TRP C 228 -0.77 17.49 -14.91
N VAL C 229 -1.70 18.41 -15.16
CA VAL C 229 -3.11 18.04 -15.24
C VAL C 229 -3.33 17.02 -16.35
N GLU C 230 -2.56 17.15 -17.44
CA GLU C 230 -2.76 16.23 -18.54
C GLU C 230 -1.99 14.93 -18.34
N ASP C 231 -0.91 14.96 -17.56
CA ASP C 231 -0.08 13.77 -17.46
C ASP C 231 -0.74 12.72 -16.58
N ASN C 232 -1.29 13.13 -15.46
CA ASN C 232 -1.87 12.21 -14.50
C ASN C 232 -3.35 12.00 -14.69
N GLY C 233 -3.90 12.41 -15.83
CA GLY C 233 -5.29 12.18 -16.13
C GLY C 233 -6.27 12.93 -15.25
N TYR C 234 -5.84 14.01 -14.64
CA TYR C 234 -6.78 14.81 -13.88
C TYR C 234 -7.61 15.67 -14.82
N LEU C 235 -8.80 16.04 -14.36
CA LEU C 235 -9.69 16.88 -15.13
C LEU C 235 -9.90 18.19 -14.38
N LEU C 236 -9.69 19.30 -15.07
CA LEU C 236 -9.85 20.62 -14.49
C LEU C 236 -11.34 20.89 -14.29
N THR C 237 -11.79 20.87 -13.04
CA THR C 237 -13.21 20.95 -12.75
C THR C 237 -13.73 22.37 -12.63
N ASN C 238 -12.86 23.32 -12.28
CA ASN C 238 -13.31 24.69 -12.02
C ASN C 238 -12.27 25.64 -12.60
N SER C 239 -12.55 26.94 -12.47
CA SER C 239 -11.65 27.94 -13.01
C SER C 239 -10.39 28.04 -12.15
N PRO C 240 -9.24 28.33 -12.76
CA PRO C 240 -7.99 28.35 -11.99
C PRO C 240 -7.91 29.56 -11.08
N ARG C 241 -7.49 29.30 -9.84
CA ARG C 241 -7.26 30.34 -8.85
C ARG C 241 -5.80 30.71 -8.83
N GLU C 242 -5.53 31.89 -8.31
CA GLU C 242 -4.15 32.36 -8.11
C GLU C 242 -4.13 33.16 -6.81
N SER C 243 -3.45 32.63 -5.80
CA SER C 243 -3.46 33.22 -4.46
C SER C 243 -2.16 33.95 -4.23
N TYR C 244 -2.23 35.16 -3.70
CA TYR C 244 -1.05 36.02 -3.55
C TYR C 244 -0.55 35.94 -2.12
N ILE C 245 0.58 35.29 -1.91
CA ILE C 245 1.15 35.19 -0.58
C ILE C 245 1.96 36.45 -0.24
N ASP C 246 3.04 36.69 -1.00
CA ASP C 246 3.94 37.80 -0.76
C ASP C 246 4.05 38.65 -2.01
N GLY C 247 4.21 39.95 -1.81
CA GLY C 247 4.24 40.90 -2.91
C GLY C 247 4.71 42.27 -2.49
N ILE C 248 4.18 43.30 -3.16
CA ILE C 248 4.57 44.68 -2.86
C ILE C 248 4.13 45.09 -1.47
N TRP C 249 3.16 44.41 -0.88
CA TRP C 249 2.70 44.80 0.45
C TRP C 249 3.68 44.40 1.54
N ASN C 250 4.28 43.22 1.44
CA ASN C 250 5.21 42.75 2.45
C ASN C 250 6.64 43.15 2.20
N LYS C 251 7.13 43.02 0.97
CA LYS C 251 8.56 42.98 0.73
C LYS C 251 8.91 43.92 -0.42
N GLN C 252 10.13 44.45 -0.36
CA GLN C 252 10.56 45.43 -1.37
C GLN C 252 11.28 44.76 -2.54
N ASP C 253 11.98 43.66 -2.28
CA ASP C 253 12.66 42.94 -3.36
C ASP C 253 11.66 42.20 -4.22
N SER C 254 11.72 42.44 -5.53
CA SER C 254 10.82 41.76 -6.45
C SER C 254 11.18 40.31 -6.69
N ALA C 255 12.24 39.81 -6.05
CA ALA C 255 12.64 38.43 -6.19
C ALA C 255 12.17 37.55 -5.05
N GLU C 256 11.69 38.14 -3.97
CA GLU C 256 11.18 37.38 -2.83
C GLU C 256 9.67 37.30 -2.83
N TRP C 257 9.01 37.78 -3.87
CA TRP C 257 7.57 37.66 -3.99
C TRP C 257 7.16 36.21 -4.08
N MET C 258 5.88 35.95 -3.82
CA MET C 258 5.41 34.58 -3.73
C MET C 258 3.94 34.51 -4.08
N THR C 259 3.58 33.67 -5.04
CA THR C 259 2.18 33.41 -5.32
C THR C 259 1.97 31.90 -5.31
N GLU C 260 0.71 31.49 -5.26
CA GLU C 260 0.37 30.08 -5.29
C GLU C 260 -0.72 29.85 -6.32
N ILE C 261 -0.38 29.17 -7.40
CA ILE C 261 -1.33 28.87 -8.46
C ILE C 261 -2.03 27.57 -8.11
N GLN C 262 -3.36 27.59 -8.16
CA GLN C 262 -4.19 26.47 -7.74
C GLN C 262 -5.15 26.08 -8.85
N PHE C 263 -5.03 24.85 -9.33
CA PHE C 263 -5.90 24.29 -10.36
C PHE C 263 -6.89 23.36 -9.71
N PRO C 264 -8.18 23.69 -9.68
CA PRO C 264 -9.17 22.75 -9.14
C PRO C 264 -9.32 21.57 -10.08
N VAL C 265 -9.01 20.37 -9.58
CA VAL C 265 -9.01 19.18 -10.42
C VAL C 265 -9.72 18.04 -9.70
N GLU C 266 -10.14 17.05 -10.49
CA GLU C 266 -10.62 15.80 -9.94
C GLU C 266 -10.09 14.64 -10.77
N LYS C 267 -9.91 13.50 -10.13
CA LYS C 267 -9.29 12.34 -10.77
C LYS C 267 -10.32 11.58 -11.57
N VAL C 268 -10.20 11.62 -12.89
CA VAL C 268 -11.13 10.92 -13.77
C VAL C 268 -10.36 10.23 -14.89
N SER D 1 4.07 35.38 12.36
CA SER D 1 3.41 34.09 12.19
C SER D 1 3.91 33.08 13.20
N GLN D 2 3.18 32.95 14.31
CA GLN D 2 3.47 31.91 15.28
C GLN D 2 3.10 30.55 14.70
N ILE D 3 3.39 29.51 15.48
CA ILE D 3 3.17 28.15 14.98
C ILE D 3 1.70 27.91 14.68
N GLY D 4 0.79 28.62 15.34
CA GLY D 4 -0.61 28.41 15.08
C GLY D 4 -1.04 29.00 13.75
N LEU D 5 -0.62 30.24 13.48
CA LEU D 5 -0.97 30.87 12.21
C LEU D 5 -0.32 30.15 11.04
N PHE D 6 0.91 29.67 11.24
CA PHE D 6 1.55 28.90 10.18
C PHE D 6 0.85 27.56 9.98
N SER D 7 0.45 26.91 11.07
CA SER D 7 -0.25 25.64 10.93
C SER D 7 -1.61 25.81 10.28
N LYS D 8 -2.21 27.00 10.40
CA LYS D 8 -3.45 27.23 9.69
C LYS D 8 -3.20 27.67 8.24
N ILE D 9 -2.00 28.21 7.96
CA ILE D 9 -1.66 28.53 6.58
C ILE D 9 -1.45 27.26 5.77
N CYS D 10 -0.60 26.37 6.27
CA CYS D 10 -0.29 25.14 5.56
C CYS D 10 -1.39 24.10 5.64
N ARG D 11 -2.42 24.33 6.45
CA ARG D 11 -3.44 23.33 6.75
C ARG D 11 -2.80 22.06 7.29
N VAL D 12 -1.88 22.24 8.23
CA VAL D 12 -1.17 21.13 8.84
C VAL D 12 -1.31 21.25 10.35
N THR D 13 -1.11 20.13 11.03
CA THR D 13 -1.31 20.10 12.47
C THR D 13 -0.15 20.76 13.19
N ILE D 14 -0.43 21.32 14.36
CA ILE D 14 0.63 21.84 15.21
C ILE D 14 1.58 20.72 15.60
N LYS D 15 1.05 19.52 15.84
CA LYS D 15 1.90 18.39 16.16
C LYS D 15 2.82 18.04 15.01
N THR D 16 2.36 18.24 13.78
CA THR D 16 3.22 17.94 12.63
C THR D 16 4.38 18.92 12.54
N LEU D 17 4.12 20.21 12.75
CA LEU D 17 5.21 21.18 12.75
C LEU D 17 6.18 20.92 13.88
N HIS D 18 5.67 20.57 15.06
CA HIS D 18 6.53 20.18 16.16
C HIS D 18 7.42 19.01 15.77
N TYR D 19 6.81 17.98 15.19
CA TYR D 19 7.54 16.78 14.84
C TYR D 19 8.60 17.07 13.79
N TYR D 20 8.25 17.87 12.78
CA TYR D 20 9.20 18.24 11.76
C TYR D 20 10.38 18.97 12.37
N ASN D 21 10.12 20.02 13.16
CA ASN D 21 11.21 20.76 13.76
C ASN D 21 12.08 19.87 14.63
N LYS D 22 11.49 18.86 15.28
CA LYS D 22 12.28 17.93 16.06
C LYS D 22 13.18 17.08 15.17
N ILE D 23 12.65 16.61 14.03
CA ILE D 23 13.39 15.70 13.17
C ILE D 23 14.44 16.40 12.34
N GLY D 24 14.45 17.73 12.32
CA GLY D 24 15.40 18.50 11.56
C GLY D 24 14.87 19.07 10.27
N LEU D 25 13.83 18.47 9.72
CA LEU D 25 13.19 18.96 8.52
C LEU D 25 12.24 20.10 8.86
N LEU D 26 12.31 21.19 8.12
CA LEU D 26 11.49 22.39 8.35
C LEU D 26 11.71 22.96 9.75
N VAL D 27 12.96 23.26 10.04
CA VAL D 27 13.28 24.03 11.25
C VAL D 27 12.74 25.45 11.08
N PRO D 28 12.12 26.05 12.09
CA PRO D 28 11.54 27.37 11.91
C PRO D 28 12.61 28.45 11.81
N ALA D 29 12.14 29.66 11.47
CA ALA D 29 13.06 30.77 11.30
C ALA D 29 13.62 31.25 12.63
N TYR D 30 12.74 31.49 13.61
CA TYR D 30 13.15 32.10 14.86
C TYR D 30 12.58 31.32 16.03
N ILE D 31 13.46 30.88 16.92
CA ILE D 31 13.10 30.24 18.18
C ILE D 31 13.42 31.23 19.29
N ASN D 32 12.40 31.86 19.85
CA ASN D 32 12.62 32.84 20.90
C ASN D 32 13.24 32.17 22.12
N PRO D 33 14.37 32.65 22.62
CA PRO D 33 15.00 31.99 23.77
C PRO D 33 14.28 32.25 25.08
N ASP D 34 13.35 33.20 25.13
CA ASP D 34 12.61 33.47 26.35
C ASP D 34 11.58 32.38 26.62
N ASN D 35 10.78 32.05 25.62
CA ASN D 35 9.64 31.16 25.77
C ASN D 35 9.67 29.98 24.83
N GLY D 36 10.67 29.86 23.98
CA GLY D 36 10.74 28.73 23.06
C GLY D 36 9.71 28.72 21.97
N TYR D 37 9.03 29.83 21.72
CA TYR D 37 8.00 29.88 20.69
C TYR D 37 8.61 29.65 19.33
N ARG D 38 7.80 29.16 18.39
CA ARG D 38 8.27 28.91 17.04
C ARG D 38 7.62 29.88 16.08
N PHE D 39 8.43 30.70 15.41
CA PHE D 39 7.95 31.65 14.42
C PHE D 39 8.41 31.23 13.04
N TYR D 40 7.48 31.25 12.08
CA TYR D 40 7.77 30.81 10.73
C TYR D 40 7.66 31.98 9.76
N THR D 41 8.38 31.86 8.65
CA THR D 41 8.39 32.85 7.59
C THR D 41 7.84 32.18 6.34
N SER D 42 7.45 33.00 5.37
CA SER D 42 6.91 32.48 4.11
C SER D 42 7.86 31.53 3.41
N ASP D 43 9.17 31.69 3.64
CA ASP D 43 10.14 30.71 3.14
C ASP D 43 9.84 29.33 3.68
N GLN D 44 9.48 29.24 4.97
CA GLN D 44 9.09 27.96 5.51
C GLN D 44 7.83 27.43 4.84
N LEU D 45 6.95 28.31 4.38
CA LEU D 45 5.78 27.85 3.64
C LEU D 45 6.19 27.24 2.31
N MET D 46 7.10 27.89 1.59
CA MET D 46 7.57 27.33 0.34
C MET D 46 8.28 26.00 0.55
N LYS D 47 9.01 25.86 1.66
CA LYS D 47 9.67 24.59 1.96
C LYS D 47 8.67 23.50 2.33
N PHE D 48 7.70 23.84 3.17
CA PHE D 48 6.69 22.87 3.53
C PHE D 48 5.87 22.44 2.33
N HIS D 49 5.74 23.31 1.33
CA HIS D 49 4.99 22.92 0.14
C HIS D 49 5.65 21.74 -0.55
N GLN D 50 6.97 21.79 -0.74
CA GLN D 50 7.62 20.66 -1.39
C GLN D 50 7.72 19.46 -0.47
N ILE D 51 7.79 19.69 0.85
CA ILE D 51 7.73 18.58 1.78
C ILE D 51 6.43 17.82 1.62
N ALA D 52 5.32 18.55 1.60
CA ALA D 52 4.01 17.92 1.42
C ALA D 52 3.87 17.33 0.03
N SER D 53 4.49 17.94 -0.97
CA SER D 53 4.44 17.37 -2.31
C SER D 53 5.11 16.01 -2.36
N LEU D 54 6.26 15.87 -1.70
CA LEU D 54 6.93 14.58 -1.66
C LEU D 54 6.20 13.60 -0.76
N ARG D 55 5.60 14.09 0.33
CA ARG D 55 4.87 13.24 1.26
C ARG D 55 3.59 12.71 0.63
N GLN D 56 3.06 13.42 -0.36
CA GLN D 56 1.90 12.94 -1.11
C GLN D 56 2.28 11.88 -2.15
N LEU D 57 3.56 11.59 -2.31
CA LEU D 57 4.03 10.60 -3.26
C LEU D 57 4.29 9.24 -2.61
N GLY D 58 4.28 9.18 -1.29
CA GLY D 58 4.60 7.96 -0.57
C GLY D 58 5.98 7.92 0.01
N PHE D 59 6.77 8.97 -0.20
CA PHE D 59 8.13 8.99 0.32
C PHE D 59 8.11 9.01 1.84
N THR D 60 8.87 8.13 2.46
CA THR D 60 9.00 8.16 3.90
C THR D 60 9.76 9.42 4.32
N ILE D 61 9.64 9.77 5.59
CA ILE D 61 10.24 11.00 6.08
C ILE D 61 11.75 10.97 5.88
N THR D 62 12.37 9.82 6.13
CA THR D 62 13.81 9.71 5.96
C THR D 62 14.21 9.89 4.51
N GLU D 63 13.34 9.55 3.56
CA GLU D 63 13.61 9.83 2.16
C GLU D 63 13.42 11.30 1.84
N ILE D 64 12.57 12.00 2.60
CA ILE D 64 12.36 13.42 2.34
C ILE D 64 13.51 14.23 2.92
N VAL D 65 14.04 13.81 4.07
CA VAL D 65 15.22 14.45 4.63
C VAL D 65 16.42 14.31 3.71
N THR D 66 16.44 13.31 2.85
CA THR D 66 17.49 13.14 1.86
C THR D 66 17.14 13.78 0.52
N LEU D 67 15.86 13.98 0.23
CA LEU D 67 15.49 14.61 -1.04
C LEU D 67 15.45 16.13 -0.94
N THR D 68 15.23 16.69 0.24
CA THR D 68 15.10 18.14 0.35
C THR D 68 16.44 18.85 0.37
N GLN D 69 17.53 18.17 0.71
CA GLN D 69 18.84 18.81 0.72
C GLN D 69 19.82 18.24 -0.30
N ASP D 70 19.76 16.94 -0.60
CA ASP D 70 20.67 16.33 -1.57
C ASP D 70 20.05 16.41 -2.96
N GLU D 71 20.17 17.59 -3.57
CA GLU D 71 19.48 17.85 -4.83
C GLU D 71 19.99 16.97 -5.98
N ASN D 72 21.11 16.27 -5.79
CA ASN D 72 21.57 15.35 -6.82
C ASN D 72 20.92 13.97 -6.71
N SER D 73 20.34 13.63 -5.55
CA SER D 73 19.85 12.28 -5.32
C SER D 73 18.60 12.06 -6.15
N CYS D 74 18.75 11.35 -7.27
CA CYS D 74 17.63 11.01 -8.13
C CYS D 74 17.32 9.52 -8.12
N HIS D 75 18.30 8.67 -7.82
CA HIS D 75 18.06 7.24 -7.77
C HIS D 75 17.05 6.87 -6.70
N ILE D 76 17.00 7.65 -5.61
CA ILE D 76 16.06 7.37 -4.54
C ILE D 76 14.61 7.59 -4.95
N ILE D 77 14.40 8.20 -6.11
CA ILE D 77 13.06 8.32 -6.65
C ILE D 77 12.71 7.14 -7.54
N GLU D 78 13.66 6.67 -8.35
CA GLU D 78 13.43 5.46 -9.11
C GLU D 78 13.26 4.26 -8.20
N ARG D 79 13.93 4.27 -7.06
CA ARG D 79 13.75 3.20 -6.07
C ARG D 79 12.32 3.18 -5.55
N ARG D 80 11.79 4.36 -5.21
CA ARG D 80 10.40 4.45 -4.80
C ARG D 80 9.46 4.08 -5.94
N ARG D 81 9.87 4.34 -7.18
CA ARG D 81 9.02 3.97 -8.31
C ARG D 81 8.93 2.46 -8.44
N LEU D 82 10.04 1.75 -8.31
CA LEU D 82 10.00 0.29 -8.31
C LEU D 82 9.19 -0.24 -7.13
N GLU D 83 9.33 0.41 -5.97
CA GLU D 83 8.52 0.00 -4.82
C GLU D 83 7.04 0.16 -5.10
N ILE D 84 6.65 1.27 -5.72
CA ILE D 84 5.23 1.49 -6.01
C ILE D 84 4.73 0.52 -7.07
N GLN D 85 5.57 0.20 -8.05
CA GLN D 85 5.18 -0.82 -9.03
C GLN D 85 4.93 -2.16 -8.36
N LYS D 86 5.84 -2.57 -7.48
CA LYS D 86 5.63 -3.79 -6.71
C LYS D 86 4.35 -3.71 -5.88
N GLN D 87 4.08 -2.54 -5.29
CA GLN D 87 2.91 -2.42 -4.43
C GLN D 87 1.63 -2.52 -5.24
N ILE D 88 1.59 -1.92 -6.43
CA ILE D 88 0.41 -2.05 -7.27
C ILE D 88 0.22 -3.50 -7.68
N ARG D 89 1.30 -4.19 -8.02
CA ARG D 89 1.18 -5.58 -8.39
C ARG D 89 0.65 -6.43 -7.23
N ASP D 90 1.18 -6.22 -6.03
CA ASP D 90 0.74 -6.99 -4.87
C ASP D 90 -0.69 -6.63 -4.46
N MET D 91 -1.08 -5.37 -4.65
CA MET D 91 -2.44 -4.97 -4.33
C MET D 91 -3.43 -5.59 -5.31
N ALA D 92 -3.05 -5.66 -6.60
CA ALA D 92 -3.90 -6.33 -7.56
C ALA D 92 -4.03 -7.81 -7.24
N ASP D 93 -2.92 -8.42 -6.82
CA ASP D 93 -2.95 -9.80 -6.34
C ASP D 93 -3.95 -9.95 -5.21
N MET D 94 -3.80 -9.13 -4.17
CA MET D 94 -4.69 -9.20 -3.02
C MET D 94 -6.14 -9.00 -3.42
N LEU D 95 -6.39 -8.09 -4.37
CA LEU D 95 -7.76 -7.83 -4.77
C LEU D 95 -8.37 -9.03 -5.48
N SER D 96 -7.59 -9.68 -6.35
CA SER D 96 -8.09 -10.89 -6.99
C SER D 96 -8.37 -11.98 -5.96
N ARG D 97 -7.49 -12.10 -4.96
CA ARG D 97 -7.70 -13.12 -3.94
C ARG D 97 -8.94 -12.81 -3.10
N ILE D 98 -9.19 -11.53 -2.82
CA ILE D 98 -10.36 -11.16 -2.03
C ILE D 98 -11.63 -11.42 -2.82
N ASN D 99 -11.63 -11.11 -4.11
CA ASN D 99 -12.80 -11.39 -4.93
C ASN D 99 -13.07 -12.89 -5.00
N HIS D 100 -12.00 -13.69 -5.09
CA HIS D 100 -12.19 -15.15 -5.09
C HIS D 100 -12.74 -15.64 -3.76
N TYR D 101 -12.23 -15.09 -2.66
CA TYR D 101 -12.75 -15.44 -1.34
C TYR D 101 -14.24 -15.12 -1.24
N LEU D 102 -14.64 -13.95 -1.72
CA LEU D 102 -16.04 -13.55 -1.64
C LEU D 102 -16.91 -14.44 -2.50
N GLN D 103 -16.44 -14.78 -3.70
CA GLN D 103 -17.19 -15.70 -4.55
C GLN D 103 -17.37 -17.06 -3.88
N HIS D 104 -16.29 -17.58 -3.29
CA HIS D 104 -16.35 -18.88 -2.64
C HIS D 104 -17.29 -18.86 -1.44
N LYS D 105 -17.31 -17.75 -0.70
CA LYS D 105 -18.25 -17.65 0.42
C LYS D 105 -19.69 -17.46 -0.04
N LYS D 106 -19.90 -16.81 -1.19
CA LYS D 106 -21.25 -16.68 -1.72
C LYS D 106 -21.76 -18.03 -2.19
N LYS D 107 -20.85 -18.91 -2.64
CA LYS D 107 -21.26 -20.26 -2.98
C LYS D 107 -21.75 -21.02 -1.76
N GLU D 108 -20.87 -21.21 -0.77
CA GLU D 108 -21.13 -22.09 0.35
C GLU D 108 -20.97 -21.32 1.65
N ARG D 109 -21.83 -21.64 2.63
CA ARG D 109 -21.77 -21.03 3.95
C ARG D 109 -20.40 -21.18 4.62
N ILE D 110 -19.72 -22.31 4.42
CA ILE D 110 -18.50 -22.63 5.14
C ILE D 110 -17.32 -22.66 4.17
N MET D 111 -16.25 -21.95 4.52
CA MET D 111 -15.01 -21.97 3.76
C MET D 111 -14.21 -23.20 4.20
N LEU D 112 -14.28 -24.25 3.37
CA LEU D 112 -13.65 -25.50 3.73
C LEU D 112 -12.13 -25.40 3.67
N TYR D 113 -11.60 -24.90 2.56
CA TYR D 113 -10.16 -24.80 2.37
C TYR D 113 -9.74 -23.34 2.26
N GLN D 114 -8.49 -23.06 2.58
CA GLN D 114 -7.95 -21.72 2.55
C GLN D 114 -6.54 -21.76 1.98
N ALA D 115 -6.35 -21.19 0.80
CA ALA D 115 -5.07 -21.24 0.13
C ALA D 115 -4.11 -20.23 0.73
N ALA D 116 -2.82 -20.57 0.69
CA ALA D 116 -1.80 -19.66 1.23
C ALA D 116 -0.51 -19.88 0.47
N LEU D 117 0.13 -18.79 0.06
CA LEU D 117 1.40 -18.91 -0.65
C LEU D 117 2.53 -19.03 0.35
N LYS D 118 3.45 -19.95 0.09
CA LYS D 118 4.60 -20.06 0.97
C LYS D 118 5.82 -20.52 0.17
N GLU D 119 6.98 -20.09 0.64
CA GLU D 119 8.25 -20.39 0.00
C GLU D 119 8.83 -21.65 0.62
N ILE D 120 8.89 -22.73 -0.16
CA ILE D 120 9.37 -24.02 0.30
C ILE D 120 10.83 -24.14 -0.11
N PRO D 121 11.76 -24.36 0.81
CA PRO D 121 13.18 -24.41 0.45
C PRO D 121 13.51 -25.66 -0.35
N GLU D 122 14.68 -25.64 -0.97
CA GLU D 122 15.18 -26.87 -1.57
C GLU D 122 15.50 -27.86 -0.46
N CYS D 123 15.44 -29.14 -0.80
CA CYS D 123 15.66 -30.15 0.23
C CYS D 123 16.13 -31.43 -0.42
N ILE D 124 17.07 -32.09 0.25
CA ILE D 124 17.66 -33.32 -0.24
C ILE D 124 16.77 -34.49 0.15
N VAL D 125 16.12 -35.10 -0.83
CA VAL D 125 15.16 -36.15 -0.58
C VAL D 125 15.68 -37.46 -1.14
N TYR D 126 15.16 -38.55 -0.59
CA TYR D 126 15.22 -39.83 -1.25
C TYR D 126 13.85 -40.10 -1.86
N SER D 127 13.86 -40.61 -3.07
CA SER D 127 12.67 -40.66 -3.91
C SER D 127 12.53 -42.04 -4.53
N LYS D 128 11.29 -42.39 -4.84
CA LYS D 128 10.97 -43.61 -5.57
C LYS D 128 9.81 -43.28 -6.49
N ARG D 129 10.07 -43.35 -7.79
CA ARG D 129 9.08 -43.03 -8.81
C ARG D 129 8.58 -44.32 -9.43
N PHE D 130 7.27 -44.49 -9.48
CA PHE D 130 6.71 -45.75 -9.93
C PHE D 130 5.22 -45.59 -10.22
N ILE D 131 4.64 -46.64 -10.77
CA ILE D 131 3.23 -46.68 -11.16
C ILE D 131 2.44 -47.37 -10.06
N VAL D 132 1.25 -46.85 -9.78
CA VAL D 132 0.38 -47.50 -8.81
C VAL D 132 -1.00 -47.77 -9.42
N PRO D 133 -1.65 -48.87 -9.03
CA PRO D 133 -3.00 -49.11 -9.53
C PRO D 133 -4.05 -48.20 -8.90
N ASP D 134 -3.96 -47.95 -7.60
CA ASP D 134 -4.94 -47.12 -6.91
C ASP D 134 -4.21 -46.35 -5.81
N PHE D 135 -4.94 -45.47 -5.14
CA PHE D 135 -4.32 -44.69 -4.07
C PHE D 135 -4.02 -45.56 -2.86
N SER D 136 -4.93 -46.48 -2.53
CA SER D 136 -4.75 -47.29 -1.33
C SER D 136 -3.55 -48.20 -1.48
N SER D 137 -3.35 -48.80 -2.66
CA SER D 137 -2.17 -49.62 -2.88
C SER D 137 -0.89 -48.83 -2.73
N TYR D 138 -0.88 -47.58 -3.20
CA TYR D 138 0.28 -46.72 -3.02
C TYR D 138 0.56 -46.48 -1.54
N ILE D 139 -0.49 -46.14 -0.79
CA ILE D 139 -0.33 -45.94 0.66
C ILE D 139 0.21 -47.19 1.32
N LYS D 140 -0.24 -48.35 0.85
CA LYS D 140 0.24 -49.60 1.45
C LYS D 140 1.69 -49.87 1.11
N LEU D 141 2.12 -49.48 -0.09
CA LEU D 141 3.49 -49.77 -0.50
C LEU D 141 4.52 -48.80 0.07
N ILE D 142 4.12 -47.61 0.53
CA ILE D 142 5.09 -46.68 1.10
C ILE D 142 5.91 -47.26 2.25
N PRO D 143 5.33 -47.84 3.30
CA PRO D 143 6.12 -48.18 4.51
C PRO D 143 7.27 -49.14 4.23
N PRO D 144 7.08 -50.22 3.44
CA PRO D 144 8.26 -51.06 3.15
C PRO D 144 9.34 -50.32 2.37
N ILE D 145 8.92 -49.38 1.52
CA ILE D 145 9.89 -48.57 0.79
C ILE D 145 10.71 -47.73 1.76
N GLY D 146 10.06 -47.16 2.77
CA GLY D 146 10.81 -46.45 3.78
C GLY D 146 11.74 -47.35 4.57
N GLN D 147 11.27 -48.55 4.89
CA GLN D 147 12.06 -49.47 5.70
C GLN D 147 13.32 -49.91 4.96
N GLU D 148 13.19 -50.23 3.67
CA GLU D 148 14.34 -50.61 2.88
C GLU D 148 15.41 -49.52 2.91
N VAL D 149 14.99 -48.27 2.81
CA VAL D 149 15.94 -47.16 2.74
C VAL D 149 16.61 -46.94 4.09
N MET D 150 15.83 -47.00 5.18
CA MET D 150 16.48 -46.80 6.48
C MET D 150 17.38 -47.95 6.85
N LYS D 151 17.14 -49.14 6.29
CA LYS D 151 18.02 -50.27 6.60
C LYS D 151 19.28 -50.23 5.77
N ALA D 152 19.16 -49.97 4.47
CA ALA D 152 20.30 -50.01 3.57
C ALA D 152 21.29 -48.88 3.79
N ASN D 153 20.91 -47.83 4.52
CA ASN D 153 21.82 -46.72 4.80
C ASN D 153 21.93 -46.52 6.30
N PRO D 154 23.01 -46.98 6.93
CA PRO D 154 23.20 -46.67 8.34
C PRO D 154 23.54 -45.20 8.52
N GLY D 155 22.91 -44.59 9.51
CA GLY D 155 23.09 -43.17 9.75
C GLY D 155 22.18 -42.25 8.98
N LEU D 156 21.17 -42.79 8.30
CA LEU D 156 20.21 -41.95 7.61
C LEU D 156 19.33 -41.24 8.62
N THR D 157 19.39 -39.91 8.64
CA THR D 157 18.66 -39.09 9.57
C THR D 157 17.67 -38.21 8.83
N LEU D 158 16.40 -38.29 9.21
CA LEU D 158 15.37 -37.50 8.57
C LEU D 158 15.50 -36.04 8.97
N THR D 159 14.85 -35.17 8.21
CA THR D 159 14.91 -33.74 8.44
C THR D 159 13.87 -33.34 9.47
N THR D 160 14.22 -32.36 10.29
CA THR D 160 13.28 -31.79 11.25
C THR D 160 12.89 -30.40 10.78
N PRO D 161 11.61 -30.13 10.49
CA PRO D 161 10.48 -31.06 10.62
C PRO D 161 10.42 -32.09 9.51
N ALA D 162 9.62 -33.14 9.71
CA ALA D 162 9.57 -34.26 8.79
C ALA D 162 8.80 -33.83 7.55
N TYR D 163 9.52 -33.49 6.49
CA TYR D 163 8.89 -33.11 5.23
C TYR D 163 8.86 -34.36 4.35
N CYS D 164 7.75 -35.08 4.42
CA CYS D 164 7.55 -36.34 3.72
C CYS D 164 6.34 -36.21 2.82
N PHE D 165 6.53 -36.43 1.52
CA PHE D 165 5.52 -36.01 0.59
C PHE D 165 5.53 -36.89 -0.66
N THR D 166 4.67 -36.54 -1.59
CA THR D 166 4.62 -37.19 -2.89
C THR D 166 4.47 -36.15 -3.97
N LEU D 167 4.74 -36.56 -5.21
CA LEU D 167 4.56 -35.74 -6.39
C LEU D 167 3.73 -36.51 -7.39
N TYR D 168 2.79 -35.82 -8.02
CA TYR D 168 1.94 -36.45 -9.02
C TYR D 168 2.39 -35.96 -10.38
N HIS D 169 3.16 -36.81 -11.07
CA HIS D 169 3.74 -36.45 -12.35
C HIS D 169 2.78 -36.63 -13.51
N ASP D 170 1.52 -36.92 -13.23
CA ASP D 170 0.52 -36.92 -14.28
C ASP D 170 0.16 -35.49 -14.66
N LYS D 171 -0.24 -35.30 -15.92
CA LYS D 171 -0.71 -34.02 -16.39
C LYS D 171 -2.23 -33.97 -16.55
N GLU D 172 -2.88 -35.11 -16.62
CA GLU D 172 -4.33 -35.18 -16.64
C GLU D 172 -4.81 -35.96 -15.41
N TYR D 173 -6.12 -35.99 -15.23
CA TYR D 173 -6.71 -36.72 -14.12
C TYR D 173 -6.65 -38.21 -14.43
N LYS D 174 -5.75 -38.91 -13.75
CA LYS D 174 -5.50 -40.32 -13.99
C LYS D 174 -5.94 -41.08 -12.75
N GLU D 175 -7.04 -41.83 -12.87
CA GLU D 175 -7.60 -42.54 -11.72
C GLU D 175 -6.81 -43.80 -11.39
N LYS D 176 -6.29 -44.51 -12.38
CA LYS D 176 -5.53 -45.74 -12.13
C LYS D 176 -4.26 -45.69 -12.94
N ASN D 177 -3.28 -46.51 -12.52
CA ASN D 177 -1.94 -46.51 -13.10
C ASN D 177 -1.34 -45.10 -13.08
N MET D 178 -1.26 -44.54 -11.87
CA MET D 178 -0.73 -43.21 -11.66
C MET D 178 0.79 -43.26 -11.59
N ASP D 179 1.44 -42.31 -12.27
CA ASP D 179 2.89 -42.19 -12.24
C ASP D 179 3.28 -41.31 -11.05
N VAL D 180 3.31 -41.93 -9.91
CA VAL D 180 3.47 -41.19 -8.66
C VAL D 180 4.89 -41.33 -8.18
N GLU D 181 5.40 -40.29 -7.52
CA GLU D 181 6.76 -40.30 -7.00
C GLU D 181 6.73 -39.99 -5.51
N PHE D 182 7.04 -40.97 -4.68
CA PHE D 182 7.12 -40.73 -3.25
C PHE D 182 8.49 -40.18 -2.90
N CYS D 183 8.55 -39.26 -1.94
CA CYS D 183 9.82 -38.70 -1.53
C CYS D 183 9.80 -38.37 -0.05
N GLU D 184 10.98 -38.36 0.54
CA GLU D 184 11.12 -38.00 1.94
C GLU D 184 12.38 -37.19 2.10
N ALA D 185 12.31 -36.11 2.87
CA ALA D 185 13.47 -35.24 3.03
C ALA D 185 14.37 -35.77 4.13
N VAL D 186 15.65 -35.89 3.83
CA VAL D 186 16.65 -36.40 4.76
C VAL D 186 17.69 -35.31 5.00
N ASN D 187 18.63 -35.60 5.89
CA ASN D 187 19.63 -34.61 6.23
C ASN D 187 20.65 -34.41 5.12
N ASP D 188 21.10 -35.48 4.46
CA ASP D 188 22.14 -35.36 3.46
C ASP D 188 22.10 -36.57 2.53
N PHE D 189 22.98 -36.55 1.53
CA PHE D 189 22.96 -37.53 0.46
C PHE D 189 23.25 -38.93 0.98
N GLY D 190 22.65 -39.93 0.33
CA GLY D 190 22.91 -41.32 0.58
C GLY D 190 23.32 -42.05 -0.68
N LYS D 191 23.22 -43.38 -0.62
CA LYS D 191 23.56 -44.19 -1.79
C LYS D 191 22.32 -44.79 -2.42
N ASN D 192 22.27 -44.76 -3.75
CA ASN D 192 21.14 -45.29 -4.48
C ASN D 192 21.12 -46.81 -4.39
N GLU D 193 19.99 -47.36 -3.93
CA GLU D 193 19.85 -48.81 -3.79
C GLU D 193 18.47 -49.20 -4.31
N GLY D 194 18.43 -50.21 -5.16
CA GLY D 194 17.16 -50.61 -5.76
C GLY D 194 16.66 -49.54 -6.69
N ASN D 195 15.34 -49.52 -6.91
CA ASN D 195 14.77 -48.46 -7.72
C ASN D 195 14.61 -47.16 -6.95
N ILE D 196 15.07 -47.12 -5.71
CA ILE D 196 15.07 -45.91 -4.89
C ILE D 196 16.31 -45.10 -5.22
N ILE D 197 16.12 -43.83 -5.53
CA ILE D 197 17.23 -42.93 -5.84
C ILE D 197 17.22 -41.79 -4.84
N PHE D 198 18.22 -40.94 -4.92
CA PHE D 198 18.27 -39.70 -4.16
C PHE D 198 18.29 -38.53 -5.14
N GLN D 199 17.80 -37.39 -4.69
CA GLN D 199 17.87 -36.19 -5.52
C GLN D 199 17.66 -34.97 -4.64
N VAL D 200 17.88 -33.80 -5.23
CA VAL D 200 17.69 -32.52 -4.56
C VAL D 200 16.48 -31.85 -5.19
N ILE D 201 15.44 -31.63 -4.39
CA ILE D 201 14.19 -31.06 -4.87
C ILE D 201 14.29 -29.54 -4.72
N PRO D 202 13.99 -28.77 -5.77
CA PRO D 202 14.28 -27.34 -5.75
C PRO D 202 13.28 -26.55 -4.92
N ALA D 203 13.71 -25.38 -4.47
CA ALA D 203 12.83 -24.48 -3.76
C ALA D 203 11.73 -23.99 -4.69
N ILE D 204 10.52 -23.86 -4.16
CA ILE D 204 9.37 -23.42 -4.95
C ILE D 204 8.59 -22.38 -4.18
N THR D 205 7.72 -21.68 -4.90
CA THR D 205 6.68 -20.87 -4.30
C THR D 205 5.37 -21.60 -4.52
N ALA D 206 4.79 -22.13 -3.44
CA ALA D 206 3.70 -23.06 -3.59
C ALA D 206 2.46 -22.52 -2.90
N VAL D 207 1.36 -22.60 -3.59
CA VAL D 207 0.06 -22.31 -2.99
C VAL D 207 -0.42 -23.58 -2.34
N THR D 208 -0.70 -23.50 -1.04
CA THR D 208 -0.93 -24.67 -0.24
C THR D 208 -2.32 -24.61 0.38
N VAL D 209 -2.86 -25.80 0.63
CA VAL D 209 -4.16 -25.98 1.25
C VAL D 209 -4.03 -27.18 2.17
N ILE D 210 -4.38 -27.02 3.43
CA ILE D 210 -4.30 -28.11 4.39
C ILE D 210 -5.64 -28.82 4.47
N HIS D 211 -5.68 -30.07 4.04
CA HIS D 211 -6.87 -30.89 4.09
C HIS D 211 -6.83 -31.70 5.37
N LYS D 212 -7.87 -31.57 6.18
CA LYS D 212 -8.03 -32.38 7.39
C LYS D 212 -9.17 -33.35 7.17
N GLY D 213 -8.85 -34.63 7.09
CA GLY D 213 -9.84 -35.66 6.89
C GLY D 213 -9.29 -36.88 6.21
N PRO D 214 -10.16 -37.83 5.89
CA PRO D 214 -9.71 -39.06 5.24
C PRO D 214 -9.23 -38.80 3.83
N TYR D 215 -8.42 -39.72 3.32
CA TYR D 215 -7.74 -39.50 2.05
C TYR D 215 -8.65 -39.63 0.84
N ASP D 216 -9.68 -40.47 0.91
CA ASP D 216 -10.52 -40.71 -0.25
C ASP D 216 -11.28 -39.48 -0.72
N SER D 217 -11.25 -38.39 0.05
CA SER D 217 -11.90 -37.14 -0.34
C SER D 217 -10.88 -36.03 -0.52
N LEU D 218 -9.63 -36.38 -0.78
CA LEU D 218 -8.63 -35.36 -1.10
C LEU D 218 -8.91 -34.69 -2.42
N ARG D 219 -9.65 -35.34 -3.32
CA ARG D 219 -9.86 -34.81 -4.66
C ARG D 219 -10.42 -33.40 -4.62
N ASN D 220 -11.44 -33.16 -3.80
CA ASN D 220 -12.00 -31.82 -3.64
C ASN D 220 -10.89 -30.80 -3.43
N ALA D 221 -9.99 -31.08 -2.49
CA ALA D 221 -8.90 -30.15 -2.20
C ALA D 221 -8.14 -29.79 -3.46
N TYR D 222 -7.73 -30.80 -4.23
CA TYR D 222 -7.02 -30.57 -5.48
C TYR D 222 -7.84 -29.66 -6.41
N ILE D 223 -9.12 -29.98 -6.57
CA ILE D 223 -9.99 -29.17 -7.42
C ILE D 223 -9.98 -27.73 -6.96
N TYR D 224 -10.10 -27.50 -5.64
CA TYR D 224 -10.11 -26.14 -5.14
C TYR D 224 -8.85 -25.41 -5.55
N LEU D 225 -7.69 -26.03 -5.31
CA LEU D 225 -6.44 -25.39 -5.71
C LEU D 225 -6.42 -25.13 -7.20
N MET D 226 -6.91 -26.09 -8.00
CA MET D 226 -7.00 -25.87 -9.44
C MET D 226 -7.84 -24.64 -9.73
N GLN D 227 -9.01 -24.53 -9.10
CA GLN D 227 -9.83 -23.33 -9.28
C GLN D 227 -9.06 -22.10 -8.85
N TRP D 228 -8.35 -22.18 -7.73
CA TRP D 228 -7.56 -21.05 -7.25
C TRP D 228 -6.54 -20.63 -8.29
N VAL D 229 -5.96 -21.59 -9.00
CA VAL D 229 -4.96 -21.25 -10.00
C VAL D 229 -5.63 -20.70 -11.24
N GLU D 230 -6.84 -21.16 -11.55
CA GLU D 230 -7.53 -20.65 -12.73
C GLU D 230 -8.07 -19.25 -12.49
N ASP D 231 -8.60 -18.98 -11.30
CA ASP D 231 -9.18 -17.68 -11.03
C ASP D 231 -8.11 -16.61 -10.91
N ASN D 232 -7.15 -16.78 -10.01
CA ASN D 232 -6.18 -15.74 -9.70
C ASN D 232 -5.00 -15.71 -10.65
N GLY D 233 -5.11 -16.37 -11.80
CA GLY D 233 -4.14 -16.19 -12.86
C GLY D 233 -2.74 -16.67 -12.57
N TYR D 234 -2.57 -17.46 -11.53
CA TYR D 234 -1.31 -18.14 -11.29
C TYR D 234 -1.20 -19.30 -12.27
N LEU D 235 -0.05 -19.97 -12.27
CA LEU D 235 0.16 -21.07 -13.20
C LEU D 235 1.01 -22.14 -12.56
N LEU D 236 0.56 -23.38 -12.69
CA LEU D 236 1.24 -24.53 -12.12
C LEU D 236 2.59 -24.74 -12.79
N THR D 237 3.67 -24.52 -12.05
CA THR D 237 5.00 -24.53 -12.65
C THR D 237 5.59 -25.93 -12.68
N ASN D 238 5.11 -26.82 -11.81
CA ASN D 238 5.72 -28.12 -11.65
C ASN D 238 4.64 -29.12 -11.22
N SER D 239 5.03 -30.37 -11.05
CA SER D 239 4.08 -31.38 -10.62
C SER D 239 3.61 -31.09 -9.21
N PRO D 240 2.34 -31.30 -8.90
CA PRO D 240 1.84 -30.98 -7.56
C PRO D 240 2.40 -31.93 -6.52
N ARG D 241 2.85 -31.36 -5.41
CA ARG D 241 3.24 -32.14 -4.26
C ARG D 241 2.07 -32.30 -3.30
N GLU D 242 2.17 -33.32 -2.46
CA GLU D 242 1.17 -33.58 -1.42
C GLU D 242 1.93 -34.06 -0.20
N SER D 243 1.96 -33.25 0.85
CA SER D 243 2.77 -33.51 2.02
C SER D 243 1.92 -34.11 3.12
N TYR D 244 2.43 -35.12 3.79
CA TYR D 244 1.68 -35.83 4.84
C TYR D 244 2.17 -35.32 6.19
N ILE D 245 1.25 -34.82 6.99
CA ILE D 245 1.60 -34.31 8.32
C ILE D 245 1.11 -35.24 9.41
N ASP D 246 -0.18 -35.57 9.41
CA ASP D 246 -0.76 -36.49 10.37
C ASP D 246 -1.55 -37.56 9.64
N GLY D 247 -1.53 -38.77 10.17
CA GLY D 247 -2.25 -39.87 9.55
C GLY D 247 -2.25 -41.12 10.39
N ILE D 248 -2.30 -42.27 9.71
CA ILE D 248 -2.37 -43.56 10.38
C ILE D 248 -1.14 -43.84 11.21
N TRP D 249 -0.02 -43.16 10.95
CA TRP D 249 1.15 -43.36 11.78
C TRP D 249 1.13 -42.48 13.00
N ASN D 250 0.48 -41.32 12.92
CA ASN D 250 0.55 -40.31 13.98
C ASN D 250 -0.68 -40.26 14.86
N LYS D 251 -1.87 -40.49 14.31
CA LYS D 251 -3.09 -40.47 15.09
C LYS D 251 -4.00 -41.59 14.60
N GLN D 252 -4.39 -42.47 15.52
CA GLN D 252 -5.14 -43.66 15.14
C GLN D 252 -6.59 -43.37 14.81
N ASP D 253 -7.03 -42.12 14.90
CA ASP D 253 -8.36 -41.73 14.46
C ASP D 253 -8.31 -41.37 12.98
N SER D 254 -9.17 -42.01 12.18
CA SER D 254 -9.13 -41.79 10.73
C SER D 254 -9.58 -40.38 10.35
N ALA D 255 -10.34 -39.70 11.20
CA ALA D 255 -10.90 -38.40 10.86
C ALA D 255 -10.03 -37.23 11.31
N GLU D 256 -8.87 -37.50 11.94
CA GLU D 256 -7.97 -36.43 12.35
C GLU D 256 -6.71 -36.39 11.49
N TRP D 257 -6.72 -36.99 10.31
CA TRP D 257 -5.54 -36.97 9.45
C TRP D 257 -5.41 -35.61 8.79
N MET D 258 -4.17 -35.16 8.61
CA MET D 258 -3.89 -33.84 8.07
C MET D 258 -2.83 -33.95 6.99
N THR D 259 -3.14 -33.49 5.78
CA THR D 259 -2.18 -33.47 4.69
C THR D 259 -2.19 -32.09 4.03
N GLU D 260 -1.00 -31.60 3.70
CA GLU D 260 -0.86 -30.25 3.14
C GLU D 260 -0.59 -30.34 1.65
N ILE D 261 -1.61 -30.14 0.84
CA ILE D 261 -1.44 -30.11 -0.60
C ILE D 261 -0.69 -28.85 -0.96
N GLN D 262 0.31 -28.97 -1.83
CA GLN D 262 1.13 -27.83 -2.23
C GLN D 262 1.30 -27.83 -3.73
N PHE D 263 0.61 -26.93 -4.41
CA PHE D 263 0.79 -26.74 -5.84
C PHE D 263 1.99 -25.82 -6.04
N PRO D 264 3.06 -26.27 -6.69
CA PRO D 264 4.13 -25.35 -7.05
C PRO D 264 3.63 -24.43 -8.15
N VAL D 265 3.80 -23.14 -7.95
CA VAL D 265 3.08 -22.18 -8.77
C VAL D 265 3.96 -20.96 -9.03
N GLU D 266 3.62 -20.23 -10.09
CA GLU D 266 4.27 -18.96 -10.38
C GLU D 266 3.27 -18.05 -11.07
N LYS D 267 3.39 -16.75 -10.81
CA LYS D 267 2.41 -15.81 -11.32
C LYS D 267 2.69 -15.47 -12.78
N VAL D 268 1.63 -15.32 -13.55
CA VAL D 268 1.78 -14.93 -14.94
C VAL D 268 1.15 -13.57 -15.17
C1 1N7 E . -1.16 33.74 -16.93
C2 1N7 E . -2.68 33.84 -17.12
C3 1N7 E . -2.78 31.36 -17.44
C4 1N7 E . -3.36 30.19 -18.23
C5 1N7 E . -4.88 30.35 -18.28
C6 1N7 E . -5.20 31.67 -19.00
C7 1N7 E . -6.71 31.57 -19.25
C8 1N7 E . -6.86 30.11 -19.69
C9 1N7 E . -5.63 29.34 -19.16
C10 1N7 E . -5.44 30.34 -16.86
C11 1N7 E . -3.33 33.73 -15.74
C12 1N7 E . -0.43 33.91 -18.26
C13 1N7 E . -0.74 35.30 -18.82
C14 1N7 E . -2.25 35.40 -19.05
C15 1N7 E . -3.02 35.20 -17.75
C16 1N7 E . -4.52 35.33 -17.99
C17 1N7 E . -5.12 34.18 -18.80
C18 1N7 E . -4.71 32.84 -18.17
C19 1N7 E . -3.19 32.71 -18.02
C20 1N7 E . -6.03 28.08 -18.39
C21 1N7 E . -4.98 26.99 -18.51
C22 1N7 E . -7.36 27.56 -18.94
C23 1N7 E . -7.48 26.09 -18.62
O2 1N7 E . -0.16 35.46 -20.08
O3 1N7 E . -4.74 34.15 -20.15
O4 1N7 E . -2.90 30.15 -19.54
SB 118 F . -3.34 43.53 -1.17
C1A 118 F . -3.28 43.01 -3.23
C2A 118 F . -3.22 41.68 -3.59
C3A 118 F . -3.17 41.33 -4.94
C4A 118 F . -3.17 42.31 -5.91
C5A 118 F . -3.23 43.64 -5.53
C6A 118 F . -3.28 43.99 -4.19
C1C 118 F . -2.06 45.20 -0.84
C6C 118 F . -1.44 45.81 -1.91
C5C 118 F . -0.61 46.90 -1.70
C4C 118 F . -0.41 47.38 -0.41
C3C 118 F . -1.04 46.78 0.66
C2C 118 F . -1.87 45.68 0.45
C1D 118 F . -2.85 41.83 0.01
C6D 118 F . -1.90 41.92 1.02
C5D 118 F . -1.61 40.81 1.79
C4D 118 F . -2.23 39.61 1.54
C3D 118 F . -3.17 39.51 0.54
C2D 118 F . -3.48 40.62 -0.23
C6B 118 F . -6.30 44.45 -1.58
C5B 118 F . -7.56 44.79 -1.15
C4B 118 F . -7.85 44.79 0.21
C3B 118 F . -6.88 44.43 1.12
C2B 118 F . -5.61 44.08 0.68
C1B 118 F . -5.34 44.09 -0.68
C1 1N7 G . -6.38 -37.29 -6.10
C2 1N7 G . -5.25 -37.45 -7.13
C3 1N7 G . -5.61 -35.08 -7.85
C4 1N7 G . -5.76 -34.09 -9.01
C5 1N7 G . -4.54 -34.29 -9.93
C6 1N7 G . -4.56 -35.72 -10.47
C7 1N7 G . -3.51 -35.69 -11.58
C8 1N7 G . -3.78 -34.34 -12.25
C9 1N7 G . -4.55 -33.47 -11.23
C10 1N7 G . -3.25 -34.01 -9.14
C11 1N7 G . -3.94 -37.08 -6.45
C12 1N7 G . -7.72 -37.73 -6.67
C13 1N7 G . -7.64 -39.21 -7.07
C14 1N7 G . -6.57 -39.37 -8.14
C15 1N7 G . -5.20 -38.91 -7.62
C16 1N7 G . -4.12 -39.11 -8.67
C17 1N7 G . -4.24 -38.14 -9.87
C18 1N7 G . -4.34 -36.71 -9.34
C19 1N7 G . -5.49 -36.53 -8.34
C20 1N7 G . -3.91 -32.09 -11.05
C21 1N7 G . -4.94 -31.02 -10.73
C22 1N7 G . -3.13 -31.70 -12.29
C23 1N7 G . -4.06 -30.97 -13.25
C24 1N7 G . -3.21 -30.52 -14.39
O2 1N7 G . -8.83 -39.62 -7.69
O3 1N7 G . -5.34 -38.37 -10.70
O4 1N7 G . -6.91 -34.32 -9.77
SB 118 H . 5.41 -42.60 7.30
C1A 118 H . 3.83 -42.55 5.87
C2A 118 H . 3.96 -41.74 4.77
C3A 118 H . 2.93 -41.71 3.84
C4A 118 H . 1.80 -42.46 4.01
C5A 118 H . 1.68 -43.28 5.12
C6A 118 H . 2.70 -43.32 6.06
C1C 118 H . 5.09 -44.17 8.72
C6C 118 H . 4.27 -45.23 8.40
C5C 118 H . 4.07 -46.26 9.31
C4C 118 H . 4.70 -46.22 10.54
C3C 118 H . 5.54 -45.16 10.86
C2C 118 H . 5.74 -44.14 9.95
C1D 118 H . 5.68 -40.66 8.14
C6D 118 H . 6.29 -40.50 9.37
C5D 118 H . 6.47 -39.22 9.88
C4D 118 H . 6.04 -38.12 9.17
C3D 118 H . 5.45 -38.29 7.94
C2D 118 H . 5.27 -39.55 7.42
C6B 118 H . 7.37 -43.34 4.97
C5B 118 H . 8.63 -43.62 4.48
C4B 118 H . 9.72 -43.62 5.34
C3B 118 H . 9.56 -43.35 6.69
C2B 118 H . 8.30 -43.07 7.17
C1B 118 H . 7.22 -43.06 6.32
#